data_7P0W
#
_entry.id   7P0W
#
_cell.length_a   59.776
_cell.length_b   71.578
_cell.length_c   138.691
_cell.angle_alpha   90.000
_cell.angle_beta   90.000
_cell.angle_gamma   90.000
#
_symmetry.space_group_name_H-M   'C 2 2 21'
#
loop_
_entity.id
_entity.type
_entity.pdbx_description
1 polymer 'N-glycosylase/DNA lyase'
2 polymer "DNA (5'-D(*TP*TP*TP*(PED)P*TP*TP*TP*CP*T)-3')"
3 polymer "DNA (5'-D(*AP*GP*AP*AP*AP*TP*AP*AP*A)-3')"
4 non-polymer (4S)-2-METHYL-2,4-PENTANEDIOL
5 non-polymer 'SODIUM ION'
6 water water
#
loop_
_entity_poly.entity_id
_entity_poly.type
_entity_poly.pdbx_seq_one_letter_code
_entity_poly.pdbx_strand_id
1 'polypeptide(L)'
;GSHMIARIIGEIGIEGARFIEENIDEQFKALRYLSKGIDSETFVKLVIANSLVSYQLTGKGEQWWWEFAKYFYGRDVKSI
YLAYKEFLPNSRFNRRLIPQKLSRIRRVETFLSTLTEERIEEYYGDMSSLWGSIARALGVDKESKTVVFSVKMFGYAARI
VLSTFNPYPMEIPIPEDSRIVKLTKKLTNEKPRKFWMKIARESGVPPLHIDSILWPLLGGASIDSAPPELRDKLAELIKI
IR
;
A
2 'polydeoxyribonucleotide' (DT)(DT)(DT)(PED)(DT)(DT)(DT)(DC)(DT) B
3 'polydeoxyribonucleotide' (DA)(DG)(DA)(DA)(DA)(DT)(DA)(DA)(DA) I
#
# COMPACT_ATOMS: atom_id res chain seq x y z
N GLY A 1 0.91 7.16 -24.87
CA GLY A 1 0.03 5.97 -24.80
C GLY A 1 0.62 4.88 -23.92
N SER A 2 -0.07 3.73 -23.91
CA SER A 2 0.32 2.65 -23.01
C SER A 2 1.71 2.12 -23.33
N HIS A 3 2.08 2.05 -24.62
CA HIS A 3 3.40 1.50 -24.93
C HIS A 3 4.52 2.40 -24.39
N MET A 4 4.41 3.71 -24.58
CA MET A 4 5.45 4.59 -24.06
C MET A 4 5.51 4.54 -22.54
N ILE A 5 4.35 4.60 -21.88
CA ILE A 5 4.32 4.52 -20.42
C ILE A 5 4.97 3.22 -19.96
N ALA A 6 4.62 2.11 -20.61
CA ALA A 6 5.17 0.82 -20.22
C ALA A 6 6.67 0.78 -20.44
N ARG A 7 7.16 1.37 -21.53
CA ARG A 7 8.59 1.41 -21.77
CA ARG A 7 8.59 1.39 -21.75
C ARG A 7 9.31 2.14 -20.64
N ILE A 8 8.82 3.33 -20.29
CA ILE A 8 9.48 4.12 -19.26
C ILE A 8 9.37 3.43 -17.91
N ILE A 9 8.20 2.91 -17.58
CA ILE A 9 8.06 2.20 -16.31
C ILE A 9 8.97 0.97 -16.28
N GLY A 10 9.11 0.29 -17.41
CA GLY A 10 10.02 -0.84 -17.47
C GLY A 10 11.46 -0.44 -17.24
N GLU A 11 11.85 0.74 -17.73
CA GLU A 11 13.21 1.25 -17.51
C GLU A 11 13.41 1.65 -16.05
N ILE A 12 12.40 2.24 -15.43
CA ILE A 12 12.45 2.52 -13.99
C ILE A 12 12.59 1.21 -13.23
N GLY A 13 11.76 0.24 -13.57
CA GLY A 13 11.82 -1.11 -13.06
C GLY A 13 11.34 -1.26 -11.63
N ILE A 14 11.28 -2.52 -11.17
CA ILE A 14 11.07 -2.77 -9.75
C ILE A 14 12.13 -2.07 -8.93
N GLU A 15 13.36 -1.98 -9.44
CA GLU A 15 14.42 -1.31 -8.71
C GLU A 15 14.07 0.14 -8.42
N GLY A 16 13.56 0.84 -9.43
CA GLY A 16 13.17 2.23 -9.24
C GLY A 16 11.96 2.37 -8.34
N ALA A 17 10.98 1.47 -8.49
CA ALA A 17 9.85 1.49 -7.56
C ALA A 17 10.32 1.30 -6.12
N ARG A 18 11.23 0.34 -5.92
CA ARG A 18 11.73 0.06 -4.60
C ARG A 18 12.49 1.26 -4.04
N PHE A 19 13.23 1.97 -4.89
CA PHE A 19 13.90 3.20 -4.46
C PHE A 19 12.88 4.21 -3.92
N ILE A 20 11.80 4.44 -4.68
CA ILE A 20 10.80 5.40 -4.21
CA ILE A 20 10.78 5.38 -4.23
C ILE A 20 10.15 4.91 -2.93
N GLU A 21 9.80 3.62 -2.87
CA GLU A 21 9.17 3.06 -1.69
C GLU A 21 10.02 3.28 -0.45
N GLU A 22 11.31 2.98 -0.56
CA GLU A 22 12.16 2.90 0.61
C GLU A 22 12.80 4.22 1.00
N ASN A 23 12.85 5.19 0.07
CA ASN A 23 13.50 6.46 0.33
C ASN A 23 12.55 7.64 0.40
N ILE A 24 11.44 7.60 -0.34
CA ILE A 24 10.58 8.76 -0.51
C ILE A 24 9.21 8.56 0.12
N ASP A 25 8.60 7.39 -0.06
CA ASP A 25 7.22 7.16 0.34
C ASP A 25 7.04 7.39 1.85
N GLU A 26 6.11 8.29 2.19
CA GLU A 26 5.92 8.68 3.59
C GLU A 26 5.22 7.61 4.41
N GLN A 27 4.41 6.78 3.78
CA GLN A 27 3.80 5.68 4.51
C GLN A 27 4.85 4.65 4.92
N PHE A 28 5.82 4.38 4.03
CA PHE A 28 6.93 3.52 4.41
C PHE A 28 7.71 4.13 5.57
N LYS A 29 7.96 5.44 5.54
CA LYS A 29 8.65 6.09 6.65
C LYS A 29 7.89 5.95 7.96
N ALA A 30 6.57 6.15 7.92
CA ALA A 30 5.77 6.02 9.13
C ALA A 30 5.84 4.60 9.67
N LEU A 31 5.72 3.61 8.78
CA LEU A 31 5.83 2.21 9.21
C LEU A 31 7.20 1.91 9.80
N ARG A 32 8.27 2.44 9.21
CA ARG A 32 9.59 2.20 9.77
C ARG A 32 9.67 2.72 11.21
N TYR A 33 9.12 3.91 11.45
CA TYR A 33 9.09 4.45 12.81
C TYR A 33 8.34 3.52 13.75
N LEU A 34 7.12 3.12 13.39
CA LEU A 34 6.34 2.29 14.29
C LEU A 34 7.01 0.94 14.54
N SER A 35 7.70 0.40 13.53
CA SER A 35 8.32 -0.91 13.66
C SER A 35 9.35 -0.96 14.78
N LYS A 36 9.88 0.18 15.20
CA LYS A 36 10.85 0.22 16.29
C LYS A 36 10.19 0.35 17.65
N GLY A 37 8.88 0.50 17.71
CA GLY A 37 8.20 0.77 18.97
C GLY A 37 7.15 -0.24 19.36
N ILE A 38 7.06 -1.37 18.66
CA ILE A 38 6.06 -2.38 18.97
C ILE A 38 6.53 -3.69 18.38
N ASP A 39 6.09 -4.81 18.96
CA ASP A 39 6.55 -6.10 18.47
C ASP A 39 6.09 -6.32 17.03
N SER A 40 6.87 -7.13 16.32
CA SER A 40 6.70 -7.22 14.87
CA SER A 40 6.71 -7.23 14.87
C SER A 40 5.36 -7.83 14.48
N GLU A 41 4.83 -8.77 15.25
CA GLU A 41 3.54 -9.35 14.88
C GLU A 41 2.42 -8.36 15.09
N THR A 42 2.40 -7.69 16.24
CA THR A 42 1.39 -6.66 16.47
C THR A 42 1.50 -5.55 15.43
N PHE A 43 2.73 -5.17 15.06
CA PHE A 43 2.96 -4.18 14.02
C PHE A 43 2.25 -4.57 12.74
N VAL A 44 2.46 -5.79 12.26
CA VAL A 44 1.85 -6.20 11.00
C VAL A 44 0.33 -6.23 11.11
N LYS A 45 -0.19 -6.77 12.21
CA LYS A 45 -1.63 -6.80 12.41
C LYS A 45 -2.22 -5.40 12.38
N LEU A 46 -1.57 -4.47 13.08
CA LEU A 46 -2.03 -3.08 13.10
C LEU A 46 -2.00 -2.47 11.72
N VAL A 47 -0.96 -2.76 10.93
CA VAL A 47 -0.88 -2.19 9.60
C VAL A 47 -2.03 -2.66 8.72
N ILE A 48 -2.38 -3.95 8.79
CA ILE A 48 -3.51 -4.45 8.02
C ILE A 48 -4.81 -3.80 8.50
N ALA A 49 -5.04 -3.80 9.82
CA ALA A 49 -6.25 -3.17 10.35
C ALA A 49 -6.33 -1.72 9.92
N ASN A 50 -5.22 -1.00 10.02
CA ASN A 50 -5.23 0.40 9.66
C ASN A 50 -5.61 0.57 8.19
N SER A 51 -5.06 -0.27 7.33
CA SER A 51 -5.37 -0.20 5.90
C SER A 51 -6.84 -0.38 5.64
N LEU A 52 -7.47 -1.31 6.37
CA LEU A 52 -8.87 -1.63 6.15
C LEU A 52 -9.81 -0.53 6.61
N VAL A 53 -9.32 0.47 7.35
CA VAL A 53 -10.10 1.63 7.71
C VAL A 53 -9.57 2.89 7.03
N SER A 54 -8.65 2.75 6.07
CA SER A 54 -8.05 3.88 5.36
C SER A 54 -8.83 4.20 4.10
N TYR A 55 -10.06 4.62 4.29
CA TYR A 55 -10.90 5.09 3.21
C TYR A 55 -11.70 6.26 3.74
N GLN A 56 -12.06 7.18 2.85
CA GLN A 56 -12.90 8.32 3.21
C GLN A 56 -12.36 9.00 4.47
N LEU A 57 -11.10 9.44 4.36
CA LEU A 57 -10.36 10.04 5.46
C LEU A 57 -10.77 11.50 5.68
N THR A 58 -10.29 12.05 6.80
CA THR A 58 -10.37 13.48 7.11
C THR A 58 -8.98 14.09 7.16
N GLY A 59 -8.12 13.66 6.24
CA GLY A 59 -6.79 14.20 6.07
C GLY A 59 -6.16 13.50 4.87
N LYS A 60 -4.94 13.91 4.57
CA LYS A 60 -4.18 13.21 3.53
C LYS A 60 -3.66 11.89 4.07
N GLY A 61 -3.42 10.95 3.15
CA GLY A 61 -2.90 9.66 3.55
C GLY A 61 -1.65 9.76 4.38
N GLU A 62 -0.73 10.66 4.00
CA GLU A 62 0.54 10.72 4.72
C GLU A 62 0.33 11.24 6.15
N GLN A 63 -0.59 12.19 6.33
CA GLN A 63 -0.93 12.68 7.67
C GLN A 63 -1.51 11.56 8.51
N TRP A 64 -2.42 10.80 7.92
CA TRP A 64 -3.11 9.73 8.62
C TRP A 64 -2.14 8.62 9.03
N TRP A 65 -1.27 8.17 8.11
CA TRP A 65 -0.36 7.09 8.49
C TRP A 65 0.65 7.53 9.54
N TRP A 66 1.08 8.80 9.51
CA TRP A 66 1.94 9.28 10.57
C TRP A 66 1.19 9.40 11.90
N GLU A 67 -0.09 9.78 11.87
CA GLU A 67 -0.88 9.83 13.10
C GLU A 67 -0.97 8.44 13.73
N PHE A 68 -1.26 7.43 12.89
CA PHE A 68 -1.29 6.03 13.30
C PHE A 68 0.05 5.61 13.90
N ALA A 69 1.15 5.89 13.21
CA ALA A 69 2.44 5.40 13.66
C ALA A 69 2.84 6.04 14.99
N LYS A 70 2.65 7.36 15.10
CA LYS A 70 3.01 8.02 16.34
C LYS A 70 2.08 7.62 17.48
N TYR A 71 0.82 7.31 17.18
CA TYR A 71 -0.10 6.93 18.24
C TYR A 71 0.30 5.59 18.86
N PHE A 72 0.65 4.61 18.01
CA PHE A 72 0.85 3.25 18.50
C PHE A 72 2.26 2.98 19.01
N TYR A 73 3.24 3.84 18.73
CA TYR A 73 4.59 3.60 19.19
C TYR A 73 4.61 3.44 20.71
N GLY A 74 5.15 2.33 21.19
CA GLY A 74 5.26 2.08 22.62
C GLY A 74 4.01 1.60 23.31
N ARG A 75 2.89 1.46 22.60
CA ARG A 75 1.65 1.08 23.26
C ARG A 75 1.59 -0.42 23.48
N ASP A 76 0.82 -0.80 24.49
CA ASP A 76 0.53 -2.20 24.82
C ASP A 76 -0.84 -2.52 24.26
N VAL A 77 -0.86 -3.21 23.12
CA VAL A 77 -2.08 -3.50 22.38
C VAL A 77 -2.43 -4.96 22.61
N LYS A 78 -3.64 -5.21 23.11
CA LYS A 78 -4.17 -6.56 23.16
C LYS A 78 -5.16 -6.71 22.01
N SER A 79 -6.37 -6.23 22.19
CA SER A 79 -7.38 -6.29 21.15
C SER A 79 -7.17 -5.17 20.16
N ILE A 80 -7.05 -5.53 18.88
CA ILE A 80 -6.96 -4.50 17.84
C ILE A 80 -8.25 -3.70 17.81
N TYR A 81 -9.38 -4.37 17.95
CA TYR A 81 -10.67 -3.69 17.95
C TYR A 81 -10.75 -2.67 19.08
N LEU A 82 -10.40 -3.08 20.30
CA LEU A 82 -10.49 -2.12 21.40
C LEU A 82 -9.52 -0.97 21.22
N ALA A 83 -8.35 -1.24 20.66
CA ALA A 83 -7.41 -0.17 20.41
C ALA A 83 -7.99 0.87 19.46
N TYR A 84 -8.64 0.42 18.39
CA TYR A 84 -9.22 1.34 17.42
C TYR A 84 -10.45 2.03 17.96
N LYS A 85 -11.20 1.37 18.85
CA LYS A 85 -12.36 2.02 19.46
C LYS A 85 -11.96 3.29 20.21
N GLU A 86 -10.77 3.30 20.82
CA GLU A 86 -10.27 4.50 21.49
C GLU A 86 -9.59 5.45 20.50
N PHE A 87 -8.83 4.90 19.55
CA PHE A 87 -8.01 5.72 18.67
C PHE A 87 -8.84 6.54 17.67
N LEU A 88 -9.78 5.90 16.96
CA LEU A 88 -10.44 6.62 15.86
C LEU A 88 -11.25 7.82 16.29
N PRO A 89 -12.13 7.73 17.28
CA PRO A 89 -12.99 8.88 17.60
C PRO A 89 -12.20 10.10 18.00
N ASN A 90 -10.99 9.92 18.51
CA ASN A 90 -10.17 11.02 18.97
C ASN A 90 -9.14 11.46 17.95
N SER A 91 -9.10 10.80 16.79
CA SER A 91 -8.12 11.13 15.78
C SER A 91 -8.46 12.43 15.09
N ARG A 92 -7.46 12.97 14.42
CA ARG A 92 -7.70 14.11 13.54
C ARG A 92 -8.02 13.67 12.13
N PHE A 93 -7.36 12.63 11.63
CA PHE A 93 -7.37 12.36 10.21
C PHE A 93 -8.24 11.19 9.77
N ASN A 94 -8.96 10.55 10.68
CA ASN A 94 -9.89 9.50 10.28
C ASN A 94 -11.15 9.52 11.16
N ARG A 95 -11.97 10.55 10.95
CA ARG A 95 -13.12 10.81 11.81
C ARG A 95 -14.47 10.41 11.20
N ARG A 96 -14.52 10.05 9.92
CA ARG A 96 -15.76 9.72 9.25
C ARG A 96 -15.99 8.21 9.25
N LEU A 97 -17.27 7.82 9.31
CA LEU A 97 -17.67 6.41 9.18
C LEU A 97 -17.05 5.51 10.25
N ILE A 98 -16.89 6.04 11.47
CA ILE A 98 -16.19 5.26 12.50
C ILE A 98 -16.93 3.98 12.87
N PRO A 99 -18.25 3.98 13.10
CA PRO A 99 -18.88 2.70 13.45
C PRO A 99 -18.67 1.64 12.39
N GLN A 100 -18.80 2.00 11.12
CA GLN A 100 -18.57 1.04 10.05
C GLN A 100 -17.14 0.52 10.07
N LYS A 101 -16.18 1.43 10.23
CA LYS A 101 -14.77 1.05 10.25
C LYS A 101 -14.45 0.13 11.43
N LEU A 102 -14.97 0.46 12.62
CA LEU A 102 -14.72 -0.39 13.77
C LEU A 102 -15.30 -1.78 13.56
N SER A 103 -16.46 -1.87 12.92
CA SER A 103 -17.05 -3.18 12.67
CA SER A 103 -17.05 -3.17 12.67
C SER A 103 -16.21 -4.00 11.71
N ARG A 104 -15.54 -3.36 10.73
CA ARG A 104 -14.63 -4.11 9.86
C ARG A 104 -13.49 -4.71 10.67
N ILE A 105 -12.94 -3.93 11.61
CA ILE A 105 -11.84 -4.43 12.43
C ILE A 105 -12.32 -5.59 13.30
N ARG A 106 -13.50 -5.45 13.90
CA ARG A 106 -14.04 -6.55 14.68
C ARG A 106 -14.15 -7.81 13.84
N ARG A 107 -14.59 -7.67 12.59
CA ARG A 107 -14.80 -8.83 11.75
C ARG A 107 -13.49 -9.50 11.33
N VAL A 108 -12.41 -8.74 11.18
CA VAL A 108 -11.14 -9.30 10.73
C VAL A 108 -10.25 -9.72 11.90
N GLU A 109 -10.67 -9.48 13.15
CA GLU A 109 -9.82 -9.76 14.31
CA GLU A 109 -9.81 -9.75 14.30
C GLU A 109 -9.36 -11.20 14.33
N THR A 110 -10.26 -12.13 14.05
CA THR A 110 -9.89 -13.55 14.10
C THR A 110 -8.80 -13.85 13.08
N PHE A 111 -8.98 -13.36 11.85
CA PHE A 111 -7.95 -13.56 10.85
C PHE A 111 -6.62 -12.96 11.31
N LEU A 112 -6.64 -11.75 11.87
CA LEU A 112 -5.40 -11.13 12.29
C LEU A 112 -4.71 -11.95 13.36
N SER A 113 -5.46 -12.65 14.21
CA SER A 113 -4.84 -13.44 15.26
C SER A 113 -4.03 -14.61 14.73
N THR A 114 -4.21 -14.99 13.46
CA THR A 114 -3.41 -16.05 12.87
C THR A 114 -2.01 -15.57 12.47
N LEU A 115 -1.76 -14.27 12.53
CA LEU A 115 -0.52 -13.71 11.99
C LEU A 115 0.62 -13.78 13.02
N THR A 116 1.10 -15.01 13.22
CA THR A 116 2.36 -15.25 13.88
C THR A 116 3.49 -14.82 12.94
N GLU A 117 4.71 -14.78 13.47
CA GLU A 117 5.83 -14.40 12.62
C GLU A 117 5.95 -15.34 11.43
N GLU A 118 5.78 -16.65 11.67
CA GLU A 118 5.91 -17.61 10.58
C GLU A 118 4.80 -17.45 9.56
N ARG A 119 3.57 -17.23 10.02
CA ARG A 119 2.47 -17.04 9.08
C ARG A 119 2.68 -15.78 8.25
N ILE A 120 3.23 -14.72 8.87
CA ILE A 120 3.59 -13.52 8.14
C ILE A 120 4.61 -13.84 7.07
N GLU A 121 5.64 -14.63 7.40
CA GLU A 121 6.62 -15.05 6.40
C GLU A 121 5.95 -15.79 5.25
N GLU A 122 5.04 -16.70 5.58
CA GLU A 122 4.38 -17.47 4.53
C GLU A 122 3.57 -16.55 3.62
N TYR A 123 2.81 -15.63 4.20
CA TYR A 123 2.05 -14.72 3.38
C TYR A 123 2.94 -13.78 2.57
N TYR A 124 4.10 -13.38 3.10
CA TYR A 124 4.96 -12.51 2.31
C TYR A 124 5.51 -13.24 1.10
N GLY A 125 5.69 -14.56 1.21
CA GLY A 125 6.06 -15.36 0.06
C GLY A 125 4.91 -15.74 -0.85
N ASP A 126 3.67 -15.45 -0.46
CA ASP A 126 2.49 -15.79 -1.24
C ASP A 126 1.42 -14.73 -0.95
N MET A 127 1.69 -13.51 -1.41
CA MET A 127 0.78 -12.41 -1.14
C MET A 127 -0.55 -12.56 -1.86
N SER A 128 -0.61 -13.32 -2.95
CA SER A 128 -1.90 -13.58 -3.57
C SER A 128 -2.84 -14.33 -2.63
N SER A 129 -2.31 -15.25 -1.84
CA SER A 129 -3.16 -15.96 -0.89
CA SER A 129 -3.15 -15.97 -0.89
C SER A 129 -3.60 -15.05 0.25
N LEU A 130 -2.72 -14.16 0.70
CA LEU A 130 -3.12 -13.19 1.71
C LEU A 130 -4.27 -12.35 1.19
N TRP A 131 -4.15 -11.89 -0.05
CA TRP A 131 -5.15 -11.05 -0.69
C TRP A 131 -6.52 -11.71 -0.65
N GLY A 132 -6.59 -12.97 -1.10
CA GLY A 132 -7.87 -13.67 -1.09
C GLY A 132 -8.38 -13.92 0.31
N SER A 133 -7.49 -14.21 1.25
CA SER A 133 -7.92 -14.54 2.60
C SER A 133 -8.42 -13.33 3.39
N ILE A 134 -7.81 -12.16 3.22
CA ILE A 134 -8.35 -10.95 3.84
C ILE A 134 -9.76 -10.69 3.33
N ALA A 135 -9.94 -10.77 2.01
CA ALA A 135 -11.25 -10.52 1.42
C ALA A 135 -12.27 -11.53 1.94
N ARG A 136 -11.89 -12.80 2.04
CA ARG A 136 -12.82 -13.82 2.51
C ARG A 136 -13.23 -13.58 3.95
N ALA A 137 -12.30 -13.15 4.79
CA ALA A 137 -12.64 -12.86 6.18
C ALA A 137 -13.64 -11.74 6.29
N LEU A 138 -13.56 -10.75 5.41
CA LEU A 138 -14.46 -9.61 5.42
C LEU A 138 -15.74 -9.85 4.62
N GLY A 139 -15.80 -10.92 3.84
CA GLY A 139 -16.95 -11.16 3.00
C GLY A 139 -17.04 -10.27 1.78
N VAL A 140 -15.91 -9.78 1.28
CA VAL A 140 -15.90 -8.76 0.24
C VAL A 140 -15.09 -9.25 -0.96
N ASP A 141 -15.14 -8.44 -2.02
CA ASP A 141 -14.36 -8.71 -3.22
C ASP A 141 -12.92 -8.29 -3.00
N LYS A 142 -11.97 -9.19 -3.29
CA LYS A 142 -10.57 -8.85 -3.12
C LYS A 142 -10.15 -7.70 -4.04
N GLU A 143 -10.89 -7.44 -5.12
CA GLU A 143 -10.61 -6.30 -5.98
C GLU A 143 -10.87 -4.97 -5.30
N SER A 144 -11.52 -4.93 -4.16
CA SER A 144 -11.87 -3.67 -3.54
C SER A 144 -10.64 -2.92 -3.03
N LYS A 145 -10.74 -1.60 -3.07
CA LYS A 145 -9.60 -0.71 -2.82
C LYS A 145 -8.89 -1.03 -1.51
N THR A 146 -9.63 -1.12 -0.40
CA THR A 146 -8.94 -1.26 0.89
C THR A 146 -8.33 -2.63 1.06
N VAL A 147 -8.88 -3.67 0.42
CA VAL A 147 -8.26 -4.98 0.51
C VAL A 147 -6.96 -5.00 -0.27
N VAL A 148 -6.96 -4.47 -1.48
CA VAL A 148 -5.73 -4.35 -2.24
C VAL A 148 -4.69 -3.56 -1.46
N PHE A 149 -5.11 -2.41 -0.91
CA PHE A 149 -4.19 -1.54 -0.18
C PHE A 149 -3.65 -2.23 1.07
N SER A 150 -4.47 -3.05 1.73
CA SER A 150 -3.98 -3.78 2.89
C SER A 150 -2.85 -4.74 2.52
N VAL A 151 -2.92 -5.35 1.34
CA VAL A 151 -1.81 -6.19 0.89
C VAL A 151 -0.58 -5.34 0.62
N LYS A 152 -0.78 -4.18 -0.02
CA LYS A 152 0.35 -3.31 -0.27
C LYS A 152 1.05 -2.94 1.02
N MET A 153 0.27 -2.50 2.02
CA MET A 153 0.87 -2.05 3.26
CA MET A 153 0.87 -2.05 3.27
C MET A 153 1.45 -3.22 4.06
N PHE A 154 0.78 -4.38 4.04
CA PHE A 154 1.39 -5.60 4.58
C PHE A 154 2.77 -5.80 3.97
N GLY A 155 2.88 -5.62 2.66
CA GLY A 155 4.16 -5.82 2.01
C GLY A 155 5.25 -4.89 2.50
N TYR A 156 4.90 -3.63 2.79
CA TYR A 156 5.86 -2.71 3.39
C TYR A 156 6.27 -3.20 4.76
N ALA A 157 5.28 -3.54 5.59
CA ALA A 157 5.57 -3.95 6.97
C ALA A 157 6.43 -5.19 6.99
N ALA A 158 6.10 -6.18 6.15
CA ALA A 158 6.84 -7.43 6.13
C ALA A 158 8.26 -7.22 5.64
N ARG A 159 8.45 -6.36 4.64
CA ARG A 159 9.80 -6.10 4.15
C ARG A 159 10.67 -5.57 5.28
N ILE A 160 10.11 -4.67 6.09
CA ILE A 160 10.82 -4.09 7.22
C ILE A 160 11.16 -5.15 8.25
N VAL A 161 10.16 -5.90 8.72
CA VAL A 161 10.44 -6.75 9.86
C VAL A 161 11.12 -8.04 9.47
N LEU A 162 10.99 -8.51 8.22
CA LEU A 162 11.64 -9.72 7.75
C LEU A 162 12.97 -9.45 7.06
N SER A 163 13.29 -8.18 6.83
CA SER A 163 14.54 -7.80 6.19
CA SER A 163 14.52 -7.77 6.15
C SER A 163 14.81 -8.63 4.94
N THR A 164 13.77 -8.76 4.11
CA THR A 164 13.93 -9.38 2.81
CA THR A 164 13.80 -9.52 2.85
C THR A 164 12.86 -8.82 1.91
N PHE A 165 13.03 -9.03 0.60
CA PHE A 165 12.18 -8.41 -0.40
C PHE A 165 11.59 -9.46 -1.31
N ASN A 166 10.26 -9.44 -1.43
CA ASN A 166 9.53 -10.17 -2.45
C ASN A 166 8.68 -9.17 -3.21
N PRO A 167 8.74 -9.15 -4.53
CA PRO A 167 7.89 -8.21 -5.28
C PRO A 167 6.42 -8.55 -5.10
N TYR A 168 5.58 -7.51 -5.22
CA TYR A 168 4.15 -7.75 -5.24
C TYR A 168 3.79 -8.66 -6.42
N PRO A 169 2.77 -9.50 -6.27
CA PRO A 169 2.34 -10.32 -7.40
C PRO A 169 1.82 -9.48 -8.55
N MET A 170 2.09 -9.94 -9.77
CA MET A 170 1.59 -9.25 -10.94
CA MET A 170 1.59 -9.29 -10.98
C MET A 170 0.07 -9.21 -10.97
N GLU A 171 -0.60 -10.21 -10.40
CA GLU A 171 -2.05 -10.30 -10.51
C GLU A 171 -2.80 -9.32 -9.63
N ILE A 172 -2.15 -8.68 -8.65
CA ILE A 172 -2.87 -7.75 -7.78
C ILE A 172 -2.91 -6.40 -8.47
N PRO A 173 -4.09 -5.88 -8.78
CA PRO A 173 -4.17 -4.66 -9.59
C PRO A 173 -4.00 -3.40 -8.76
N ILE A 174 -3.86 -2.29 -9.47
N ILE A 174 -3.82 -2.28 -9.45
CA ILE A 174 -4.22 -0.99 -8.94
CA ILE A 174 -3.70 -1.00 -8.71
C ILE A 174 -5.74 -0.93 -8.95
C ILE A 174 -4.98 -0.73 -7.93
N PRO A 175 -6.40 -0.79 -7.81
N PRO A 175 -4.93 -0.19 -6.71
CA PRO A 175 -7.87 -0.85 -7.79
CA PRO A 175 -6.16 0.13 -5.98
C PRO A 175 -8.48 0.50 -8.11
C PRO A 175 -7.04 1.09 -6.79
N GLU A 176 -9.79 0.47 -8.34
N GLU A 176 -8.31 0.73 -6.95
CA GLU A 176 -10.52 1.68 -8.65
CA GLU A 176 -9.24 1.51 -7.77
C GLU A 176 -10.68 2.53 -7.39
C GLU A 176 -10.05 2.50 -6.93
N ASP A 177 -10.14 3.75 -7.40
CA ASP A 177 -10.66 4.84 -6.58
C ASP A 177 -10.62 6.11 -7.40
N SER A 178 -11.05 7.22 -6.79
CA SER A 178 -11.23 8.44 -7.58
C SER A 178 -9.92 8.95 -8.14
N ARG A 179 -8.82 8.77 -7.42
CA ARG A 179 -7.59 9.38 -7.90
C ARG A 179 -6.97 8.60 -9.07
N ILE A 180 -7.05 7.26 -9.08
CA ILE A 180 -6.57 6.55 -10.27
C ILE A 180 -7.51 6.75 -11.44
N VAL A 181 -8.81 6.87 -11.19
CA VAL A 181 -9.74 7.17 -12.29
C VAL A 181 -9.39 8.49 -12.93
N LYS A 182 -9.13 9.51 -12.11
CA LYS A 182 -8.80 10.84 -12.62
C LYS A 182 -7.48 10.84 -13.41
N LEU A 183 -6.45 10.22 -12.85
CA LEU A 183 -5.17 10.17 -13.56
C LEU A 183 -5.34 9.42 -14.87
N THR A 184 -6.02 8.28 -14.84
CA THR A 184 -6.11 7.48 -16.04
C THR A 184 -6.87 8.22 -17.12
N LYS A 185 -7.94 8.95 -16.75
CA LYS A 185 -8.71 9.71 -17.73
C LYS A 185 -7.86 10.75 -18.45
N LYS A 186 -6.85 11.31 -17.79
CA LYS A 186 -5.96 12.25 -18.47
C LYS A 186 -5.20 11.56 -19.59
N LEU A 187 -4.90 10.27 -19.41
CA LEU A 187 -4.00 9.53 -20.28
C LEU A 187 -4.72 8.76 -21.38
N THR A 188 -5.95 8.35 -21.14
CA THR A 188 -6.62 7.38 -22.00
C THR A 188 -8.10 7.35 -21.66
N ASN A 189 -8.88 6.84 -22.60
CA ASN A 189 -10.28 6.48 -22.32
C ASN A 189 -10.44 5.04 -21.88
N GLU A 190 -9.37 4.24 -21.93
CA GLU A 190 -9.44 2.86 -21.47
C GLU A 190 -9.74 2.83 -19.98
N LYS A 191 -10.43 1.79 -19.54
CA LYS A 191 -10.73 1.68 -18.13
C LYS A 191 -9.45 1.39 -17.33
N PRO A 192 -9.36 1.89 -16.09
CA PRO A 192 -8.07 1.80 -15.37
C PRO A 192 -7.54 0.40 -15.13
N ARG A 193 -8.38 -0.57 -14.76
CA ARG A 193 -7.81 -1.87 -14.43
C ARG A 193 -7.12 -2.48 -15.65
N LYS A 194 -7.82 -2.45 -16.79
CA LYS A 194 -7.27 -3.02 -18.01
C LYS A 194 -6.01 -2.27 -18.43
N PHE A 195 -6.06 -0.94 -18.37
CA PHE A 195 -4.94 -0.12 -18.79
C PHE A 195 -3.71 -0.41 -17.96
N TRP A 196 -3.82 -0.35 -16.64
CA TRP A 196 -2.64 -0.51 -15.79
C TRP A 196 -2.17 -1.94 -15.74
N MET A 197 -3.07 -2.92 -15.85
CA MET A 197 -2.60 -4.30 -15.90
CA MET A 197 -2.65 -4.32 -15.94
C MET A 197 -1.83 -4.56 -17.19
N LYS A 198 -2.26 -3.97 -18.31
CA LYS A 198 -1.51 -4.08 -19.55
C LYS A 198 -0.12 -3.47 -19.41
N ILE A 199 -0.06 -2.28 -18.79
CA ILE A 199 1.23 -1.62 -18.60
C ILE A 199 2.13 -2.43 -17.67
N ALA A 200 1.55 -2.98 -16.61
CA ALA A 200 2.32 -3.79 -15.68
C ALA A 200 2.92 -5.00 -16.37
N ARG A 201 2.12 -5.72 -17.16
CA ARG A 201 2.63 -6.91 -17.82
C ARG A 201 3.70 -6.56 -18.85
N GLU A 202 3.50 -5.49 -19.61
CA GLU A 202 4.45 -5.12 -20.63
C GLU A 202 5.76 -4.62 -20.02
N SER A 203 5.68 -3.83 -18.94
CA SER A 203 6.86 -3.28 -18.30
C SER A 203 7.57 -4.28 -17.41
N GLY A 204 6.87 -5.32 -16.97
CA GLY A 204 7.42 -6.22 -15.98
C GLY A 204 7.37 -5.69 -14.56
N VAL A 205 6.68 -4.59 -14.31
CA VAL A 205 6.59 -3.98 -12.99
C VAL A 205 5.19 -4.23 -12.44
N PRO A 206 5.04 -5.00 -11.35
CA PRO A 206 3.72 -5.31 -10.84
C PRO A 206 2.92 -4.06 -10.54
N PRO A 207 1.59 -4.13 -10.66
CA PRO A 207 0.77 -2.93 -10.46
C PRO A 207 0.99 -2.22 -9.13
N LEU A 208 1.17 -2.94 -8.03
CA LEU A 208 1.33 -2.25 -6.76
C LEU A 208 2.67 -1.52 -6.68
N HIS A 209 3.68 -1.99 -7.39
CA HIS A 209 4.92 -1.22 -7.49
C HIS A 209 4.74 0.02 -8.38
N ILE A 210 3.95 -0.09 -9.45
CA ILE A 210 3.61 1.10 -10.22
C ILE A 210 2.92 2.12 -9.33
N ASP A 211 1.98 1.67 -8.51
CA ASP A 211 1.29 2.56 -7.59
C ASP A 211 2.28 3.36 -6.74
N SER A 212 3.35 2.70 -6.28
CA SER A 212 4.35 3.39 -5.46
C SER A 212 5.00 4.55 -6.19
N ILE A 213 5.20 4.39 -7.50
CA ILE A 213 5.86 5.40 -8.30
C ILE A 213 4.94 6.58 -8.57
N LEU A 214 3.67 6.30 -8.89
CA LEU A 214 2.79 7.33 -9.41
C LEU A 214 2.58 8.47 -8.43
N TRP A 215 2.22 8.16 -7.19
CA TRP A 215 1.66 9.22 -6.35
C TRP A 215 2.72 10.23 -5.87
N PRO A 216 3.92 9.80 -5.47
CA PRO A 216 4.93 10.82 -5.12
C PRO A 216 5.27 11.70 -6.30
N LEU A 217 5.39 11.12 -7.49
CA LEU A 217 5.71 11.91 -8.68
C LEU A 217 4.60 12.91 -8.98
N LEU A 218 3.35 12.45 -8.97
CA LEU A 218 2.24 13.36 -9.22
C LEU A 218 2.14 14.43 -8.14
N GLY A 219 2.49 14.10 -6.90
CA GLY A 219 2.43 15.02 -5.77
C GLY A 219 3.59 15.96 -5.64
N GLY A 220 4.56 15.90 -6.55
CA GLY A 220 5.66 16.84 -6.55
C GLY A 220 6.83 16.48 -5.67
N ALA A 221 6.93 15.23 -5.21
CA ALA A 221 8.09 14.80 -4.47
C ALA A 221 9.33 14.97 -5.33
N SER A 222 10.42 15.41 -4.70
CA SER A 222 11.67 15.57 -5.44
C SER A 222 12.21 14.22 -5.88
N ILE A 223 12.67 14.16 -7.13
CA ILE A 223 13.39 13.00 -7.67
C ILE A 223 14.90 13.22 -7.67
N ASP A 224 15.36 14.33 -7.11
CA ASP A 224 16.74 14.72 -7.31
C ASP A 224 17.73 13.75 -6.68
N SER A 225 17.30 13.02 -5.65
CA SER A 225 18.21 12.09 -4.97
C SER A 225 18.40 10.80 -5.73
N ALA A 226 17.61 10.53 -6.76
CA ALA A 226 17.84 9.34 -7.55
C ALA A 226 19.16 9.49 -8.32
N PRO A 227 19.89 8.39 -8.53
CA PRO A 227 21.11 8.47 -9.36
C PRO A 227 20.75 8.91 -10.77
N PRO A 228 21.73 9.41 -11.54
CA PRO A 228 21.41 10.11 -12.80
C PRO A 228 20.53 9.36 -13.78
N GLU A 229 20.77 8.07 -14.02
CA GLU A 229 19.96 7.34 -15.00
C GLU A 229 18.53 7.16 -14.52
N LEU A 230 18.35 6.71 -13.27
CA LEU A 230 16.99 6.58 -12.75
C LEU A 230 16.29 7.94 -12.72
N ARG A 231 17.03 8.99 -12.35
CA ARG A 231 16.47 10.32 -12.29
C ARG A 231 15.90 10.74 -13.63
N ASP A 232 16.63 10.46 -14.71
CA ASP A 232 16.17 10.75 -16.06
CA ASP A 232 16.17 10.76 -16.05
C ASP A 232 14.87 10.01 -16.37
N LYS A 233 14.79 8.73 -16.01
CA LYS A 233 13.59 7.96 -16.29
C LYS A 233 12.40 8.46 -15.48
N LEU A 234 12.63 8.82 -14.21
CA LEU A 234 11.55 9.40 -13.42
C LEU A 234 11.09 10.73 -14.00
N ALA A 235 12.04 11.55 -14.46
CA ALA A 235 11.68 12.81 -15.11
C ALA A 235 10.83 12.55 -16.35
N GLU A 236 11.15 11.51 -17.11
CA GLU A 236 10.36 11.19 -18.28
C GLU A 236 8.95 10.75 -17.89
N LEU A 237 8.81 9.98 -16.81
CA LEU A 237 7.48 9.58 -16.39
C LEU A 237 6.67 10.79 -15.92
N ILE A 238 7.31 11.72 -15.21
CA ILE A 238 6.62 12.95 -14.79
C ILE A 238 6.06 13.67 -16.00
N LYS A 239 6.82 13.72 -17.09
CA LYS A 239 6.33 14.38 -18.30
C LYS A 239 5.05 13.73 -18.81
N ILE A 240 4.88 12.43 -18.60
CA ILE A 240 3.71 11.72 -19.10
C ILE A 240 2.52 11.87 -18.16
N ILE A 241 2.75 11.89 -16.86
CA ILE A 241 1.62 11.73 -15.94
C ILE A 241 1.19 13.04 -15.28
N ARG A 242 2.04 14.06 -15.26
CA ARG A 242 1.71 15.27 -14.53
C ARG A 242 1.16 16.37 -15.42
#